data_1FEQ
#
_entry.id   1FEQ
#
_cell.length_a   1.000
_cell.length_b   1.000
_cell.length_c   1.000
_cell.angle_alpha   90.00
_cell.angle_beta   90.00
_cell.angle_gamma   90.00
#
_symmetry.space_group_name_H-M   'P 1'
#
_entity_poly.entity_id   1
_entity_poly.type   'polyribonucleotide'
_entity_poly.pdbx_seq_one_letter_code
;GCAGACUUUU(T6A)AUCUGC
;
_entity_poly.pdbx_strand_id   A
#